data_4Q3N
#
_entry.id   4Q3N
#
_cell.length_a   92.818
_cell.length_b   92.818
_cell.length_c   203.804
_cell.angle_alpha   90.00
_cell.angle_beta   90.00
_cell.angle_gamma   90.00
#
_symmetry.space_group_name_H-M   'I 41 2 2'
#
loop_
_entity.id
_entity.type
_entity.pdbx_description
1 polymer MGS-M5
2 non-polymer 'SODIUM ION'
3 non-polymer 'CHLORIDE ION'
4 non-polymer 'ACETATE ION'
5 non-polymer 'TRIETHYLENE GLYCOL'
6 non-polymer GLYCEROL
7 non-polymer 2-AMINO-2-HYDROXYMETHYL-PROPANE-1,3-DIOL
8 water water
#
_entity_poly.entity_id   1
_entity_poly.type   'polypeptide(L)'
_entity_poly.pdbx_seq_one_letter_code
;MRNSKVVVVGTGFVGMSYAYAMVNQGTVEELVLLDIDKRKAEGEAMDLNHGLAFGPRKMSIKAGDYKDCKDAGLVVITAG
VNQKEGETRIHLLKRNAEIIKTVVKNIMSSGFNGILLVASNPVDVLAYVAWKESGLHHSRVIGSGTSLDTARLRYEISQY
IHIDSRNVHAYILGEHGDSEFVCWSNANVGAKPIADVIDSMDEISFEDLEHIYLKVRDAAYEIISRKKATYYGIGMALVR
ITAAIFNNENRILPISVLNNGVYDCEDQVYIGLPAVLNKDGVHHIVKLKLNEKENSQLNNSANILRKNLDDMSY
;
_entity_poly.pdbx_strand_id   A
#
loop_
_chem_comp.id
_chem_comp.type
_chem_comp.name
_chem_comp.formula
ACT non-polymer 'ACETATE ION' 'C2 H3 O2 -1'
CL non-polymer 'CHLORIDE ION' 'Cl -1'
GOL non-polymer GLYCEROL 'C3 H8 O3'
NA non-polymer 'SODIUM ION' 'Na 1'
PGE non-polymer 'TRIETHYLENE GLYCOL' 'C6 H14 O4'
TRS non-polymer 2-AMINO-2-HYDROXYMETHYL-PROPANE-1,3-DIOL 'C4 H12 N O3 1'
#
# COMPACT_ATOMS: atom_id res chain seq x y z
N MET A 1 0.16 -14.22 -21.90
CA MET A 1 -0.85 -14.75 -20.98
C MET A 1 -1.11 -13.79 -19.84
N ARG A 2 -2.35 -13.76 -19.40
CA ARG A 2 -2.77 -12.76 -18.47
C ARG A 2 -3.63 -13.48 -17.42
N ASN A 3 -3.69 -12.89 -16.24
CA ASN A 3 -4.42 -13.48 -15.15
C ASN A 3 -5.51 -12.49 -14.89
N SER A 4 -6.67 -12.90 -14.33
CA SER A 4 -7.59 -11.87 -13.82
C SER A 4 -8.29 -12.32 -12.53
N LYS A 5 -7.49 -12.76 -11.56
CA LYS A 5 -8.03 -13.21 -10.28
C LYS A 5 -7.25 -12.66 -9.10
N VAL A 6 -7.99 -12.08 -8.16
CA VAL A 6 -7.40 -11.54 -6.96
C VAL A 6 -7.99 -12.25 -5.75
N VAL A 7 -7.15 -12.60 -4.78
CA VAL A 7 -7.65 -13.12 -3.51
C VAL A 7 -7.41 -12.03 -2.44
N VAL A 8 -8.43 -11.74 -1.64
CA VAL A 8 -8.33 -10.81 -0.53
C VAL A 8 -8.30 -11.60 0.83
N VAL A 9 -7.22 -11.47 1.60
CA VAL A 9 -7.16 -12.20 2.88
C VAL A 9 -7.46 -11.20 4.00
N GLY A 10 -8.57 -11.40 4.69
CA GLY A 10 -8.99 -10.56 5.82
C GLY A 10 -10.11 -9.72 5.31
N THR A 11 -11.33 -9.92 5.79
CA THR A 11 -12.41 -9.10 5.22
C THR A 11 -12.85 -8.02 6.25
N GLY A 12 -11.93 -7.26 6.81
CA GLY A 12 -12.30 -6.12 7.65
C GLY A 12 -12.56 -4.93 6.69
N PHE A 13 -12.68 -3.71 7.19
CA PHE A 13 -13.05 -2.63 6.29
C PHE A 13 -11.98 -2.29 5.28
N VAL A 14 -10.70 -2.53 5.57
CA VAL A 14 -9.69 -2.30 4.51
C VAL A 14 -9.85 -3.28 3.34
N GLY A 15 -9.93 -4.57 3.64
CA GLY A 15 -10.03 -5.55 2.56
C GLY A 15 -11.33 -5.36 1.79
N MET A 16 -12.41 -5.04 2.49
CA MET A 16 -13.71 -5.01 1.82
C MET A 16 -13.92 -3.66 1.06
N SER A 17 -13.36 -2.56 1.55
CA SER A 17 -13.42 -1.30 0.81
C SER A 17 -12.64 -1.49 -0.50
N TYR A 18 -11.50 -2.16 -0.40
CA TYR A 18 -10.75 -2.53 -1.58
C TYR A 18 -11.58 -3.39 -2.56
N ALA A 19 -12.19 -4.46 -2.05
CA ALA A 19 -13.00 -5.31 -2.91
C ALA A 19 -14.18 -4.51 -3.54
N TYR A 20 -14.86 -3.70 -2.73
CA TYR A 20 -16.02 -2.98 -3.25
C TYR A 20 -15.58 -2.00 -4.32
N ALA A 21 -14.47 -1.32 -4.07
CA ALA A 21 -13.95 -0.36 -5.05
C ALA A 21 -13.64 -1.06 -6.37
N MET A 22 -13.04 -2.27 -6.28
CA MET A 22 -12.78 -3.07 -7.50
C MET A 22 -14.04 -3.45 -8.25
N VAL A 23 -15.07 -3.85 -7.49
CA VAL A 23 -16.37 -4.15 -8.11
C VAL A 23 -16.93 -2.93 -8.84
N ASN A 24 -16.86 -1.76 -8.21
CA ASN A 24 -17.40 -0.58 -8.85
C ASN A 24 -16.56 -0.06 -10.03
N GLN A 25 -15.25 -0.31 -9.99
CA GLN A 25 -14.37 0.07 -11.09
C GLN A 25 -14.27 -1.05 -12.13
N GLY A 26 -14.79 -2.25 -11.85
CA GLY A 26 -14.55 -3.39 -12.77
C GLY A 26 -13.07 -3.72 -13.00
N THR A 27 -12.26 -3.68 -11.94
CA THR A 27 -10.80 -3.89 -12.07
C THR A 27 -10.37 -5.24 -12.57
N VAL A 28 -11.02 -6.28 -12.05
CA VAL A 28 -10.67 -7.64 -12.50
C VAL A 28 -11.96 -8.42 -12.66
N GLU A 29 -11.86 -9.60 -13.28
CA GLU A 29 -12.98 -10.51 -13.43
C GLU A 29 -13.33 -11.29 -12.12
N GLU A 30 -12.31 -11.81 -11.42
CA GLU A 30 -12.56 -12.82 -10.36
C GLU A 30 -12.00 -12.39 -9.02
N LEU A 31 -12.81 -12.51 -7.97
CA LEU A 31 -12.44 -12.09 -6.64
CA LEU A 31 -12.43 -12.11 -6.61
C LEU A 31 -12.74 -13.24 -5.67
N VAL A 32 -11.79 -13.55 -4.78
CA VAL A 32 -12.06 -14.57 -3.76
C VAL A 32 -11.76 -13.93 -2.41
N LEU A 33 -12.69 -14.07 -1.47
CA LEU A 33 -12.57 -13.47 -0.15
C LEU A 33 -12.24 -14.56 0.87
N LEU A 34 -11.17 -14.34 1.64
CA LEU A 34 -10.77 -15.28 2.69
C LEU A 34 -10.82 -14.61 4.05
N ASP A 35 -11.33 -15.29 5.04
CA ASP A 35 -11.32 -14.73 6.38
C ASP A 35 -11.32 -15.88 7.35
N ILE A 36 -10.66 -15.72 8.49
CA ILE A 36 -10.71 -16.79 9.49
C ILE A 36 -12.16 -17.04 9.90
N ASP A 37 -13.02 -16.04 9.78
CA ASP A 37 -14.45 -16.22 10.09
C ASP A 37 -15.11 -16.52 8.74
N LYS A 38 -15.31 -17.81 8.43
CA LYS A 38 -15.77 -18.16 7.08
C LYS A 38 -17.17 -17.61 6.78
N ARG A 39 -18.07 -17.66 7.78
CA ARG A 39 -19.42 -17.14 7.64
CA ARG A 39 -19.42 -17.15 7.62
C ARG A 39 -19.42 -15.67 7.28
N LYS A 40 -18.51 -14.92 7.90
CA LYS A 40 -18.39 -13.50 7.61
C LYS A 40 -17.96 -13.30 6.14
N ALA A 41 -16.94 -14.03 5.68
CA ALA A 41 -16.51 -13.89 4.29
C ALA A 41 -17.65 -14.23 3.33
N GLU A 42 -18.42 -15.27 3.64
CA GLU A 42 -19.58 -15.64 2.84
C GLU A 42 -20.63 -14.51 2.80
N GLY A 43 -20.87 -13.86 3.93
CA GLY A 43 -21.80 -12.72 3.96
C GLY A 43 -21.30 -11.58 3.12
N GLU A 44 -20.00 -11.33 3.16
CA GLU A 44 -19.41 -10.24 2.39
C GLU A 44 -19.52 -10.55 0.90
N ALA A 45 -19.27 -11.81 0.53
CA ALA A 45 -19.43 -12.17 -0.90
C ALA A 45 -20.90 -12.01 -1.36
N MET A 46 -21.87 -12.42 -0.53
CA MET A 46 -23.29 -12.17 -0.87
C MET A 46 -23.51 -10.68 -1.14
N ASP A 47 -23.04 -9.85 -0.22
CA ASP A 47 -23.37 -8.42 -0.25
C ASP A 47 -22.76 -7.79 -1.50
N LEU A 48 -21.53 -8.21 -1.85
CA LEU A 48 -20.89 -7.71 -3.10
C LEU A 48 -21.66 -8.23 -4.31
N ASN A 49 -21.97 -9.54 -4.34
CA ASN A 49 -22.65 -10.13 -5.50
C ASN A 49 -23.97 -9.49 -5.82
N HIS A 50 -24.67 -9.06 -4.77
CA HIS A 50 -25.99 -8.49 -4.97
C HIS A 50 -25.98 -7.14 -5.67
N GLY A 51 -24.83 -6.49 -5.75
CA GLY A 51 -24.78 -5.22 -6.47
C GLY A 51 -24.34 -5.40 -7.95
N LEU A 52 -23.93 -6.62 -8.32
CA LEU A 52 -23.33 -6.83 -9.67
C LEU A 52 -24.28 -6.60 -10.79
N ALA A 53 -25.59 -6.86 -10.59
CA ALA A 53 -26.47 -6.66 -11.73
C ALA A 53 -26.47 -5.18 -12.10
N PHE A 54 -25.92 -4.33 -11.21
CA PHE A 54 -25.85 -2.87 -11.48
C PHE A 54 -24.44 -2.42 -11.71
N GLY A 55 -23.52 -3.35 -11.95
CA GLY A 55 -22.12 -3.00 -11.89
C GLY A 55 -21.63 -2.87 -13.33
N PRO A 56 -20.42 -2.37 -13.55
CA PRO A 56 -19.93 -2.16 -14.94
C PRO A 56 -19.34 -3.40 -15.57
N ARG A 57 -19.06 -4.43 -14.78
CA ARG A 57 -18.34 -5.59 -15.30
C ARG A 57 -18.89 -6.91 -14.78
N LYS A 58 -18.95 -7.92 -15.66
CA LYS A 58 -19.32 -9.27 -15.20
C LYS A 58 -18.20 -9.72 -14.27
N MET A 59 -18.55 -10.25 -13.10
CA MET A 59 -17.52 -10.78 -12.20
C MET A 59 -17.95 -12.06 -11.57
N SER A 60 -16.96 -12.81 -11.12
CA SER A 60 -17.16 -14.01 -10.29
CA SER A 60 -17.20 -13.97 -10.29
C SER A 60 -16.64 -13.68 -8.90
N ILE A 61 -17.50 -13.71 -7.88
CA ILE A 61 -17.07 -13.39 -6.52
C ILE A 61 -17.52 -14.47 -5.53
N LYS A 62 -16.59 -14.98 -4.71
CA LYS A 62 -16.99 -15.97 -3.72
C LYS A 62 -16.11 -15.91 -2.46
N ALA A 63 -16.59 -16.48 -1.35
CA ALA A 63 -15.70 -16.68 -0.20
C ALA A 63 -14.93 -17.95 -0.50
N GLY A 64 -13.65 -18.04 -0.16
CA GLY A 64 -12.96 -19.30 -0.45
C GLY A 64 -11.98 -19.70 0.63
N ASP A 65 -11.00 -20.53 0.27
CA ASP A 65 -10.03 -21.10 1.20
C ASP A 65 -8.66 -20.87 0.59
N TYR A 66 -7.60 -21.30 1.26
CA TYR A 66 -6.27 -21.01 0.76
C TYR A 66 -5.99 -21.70 -0.57
N LYS A 67 -6.60 -22.87 -0.78
CA LYS A 67 -6.42 -23.55 -2.05
C LYS A 67 -6.87 -22.71 -3.24
N ASP A 68 -7.79 -21.78 -3.04
CA ASP A 68 -8.15 -20.87 -4.16
C ASP A 68 -7.05 -19.92 -4.59
N CYS A 69 -5.96 -19.85 -3.85
CA CYS A 69 -4.84 -18.99 -4.20
C CYS A 69 -4.04 -19.56 -5.35
N LYS A 70 -4.25 -20.84 -5.63
CA LYS A 70 -3.29 -21.57 -6.48
C LYS A 70 -3.06 -20.85 -7.82
N ASP A 71 -4.14 -20.38 -8.44
CA ASP A 71 -4.01 -19.71 -9.74
C ASP A 71 -4.40 -18.23 -9.65
N ALA A 72 -4.31 -17.65 -8.46
CA ALA A 72 -4.56 -16.21 -8.30
C ALA A 72 -3.35 -15.45 -8.82
N GLY A 73 -3.58 -14.30 -9.48
CA GLY A 73 -2.48 -13.50 -9.98
C GLY A 73 -1.95 -12.62 -8.83
N LEU A 74 -2.81 -12.32 -7.88
CA LEU A 74 -2.43 -11.37 -6.81
C LEU A 74 -3.13 -11.77 -5.52
N VAL A 75 -2.40 -11.78 -4.40
CA VAL A 75 -3.10 -11.96 -3.11
C VAL A 75 -2.83 -10.72 -2.31
N VAL A 76 -3.90 -10.11 -1.81
CA VAL A 76 -3.78 -8.90 -1.01
C VAL A 76 -4.04 -9.23 0.45
N ILE A 77 -3.03 -9.00 1.28
CA ILE A 77 -3.14 -9.38 2.69
C ILE A 77 -3.47 -8.17 3.56
N THR A 78 -4.60 -8.26 4.26
CA THR A 78 -5.05 -7.16 5.15
C THR A 78 -5.17 -7.66 6.62
N ALA A 79 -4.90 -8.95 6.84
CA ALA A 79 -5.04 -9.56 8.17
C ALA A 79 -4.11 -9.00 9.21
N GLY A 80 -4.55 -9.05 10.47
CA GLY A 80 -3.70 -8.63 11.57
C GLY A 80 -4.52 -8.38 12.82
N VAL A 81 -3.86 -7.88 13.86
CA VAL A 81 -4.49 -7.72 15.16
C VAL A 81 -4.27 -6.33 15.75
N ASN A 82 -5.11 -5.97 16.72
CA ASN A 82 -4.95 -4.70 17.39
C ASN A 82 -4.33 -4.86 18.76
N GLN A 83 -3.60 -3.83 19.18
CA GLN A 83 -2.98 -3.79 20.48
C GLN A 83 -3.95 -4.12 21.63
N LYS A 84 -3.57 -5.03 22.51
CA LYS A 84 -4.37 -5.35 23.68
C LYS A 84 -4.00 -4.42 24.85
N GLU A 85 -4.91 -4.31 25.81
CA GLU A 85 -4.65 -3.56 27.02
C GLU A 85 -3.35 -4.05 27.68
N GLY A 86 -2.37 -3.14 27.79
CA GLY A 86 -1.13 -3.42 28.50
C GLY A 86 0.00 -3.88 27.59
N GLU A 87 -0.32 -4.16 26.33
CA GLU A 87 0.60 -4.79 25.39
C GLU A 87 1.67 -3.83 24.91
N THR A 88 2.92 -4.25 24.96
CA THR A 88 4.00 -3.44 24.39
C THR A 88 3.90 -3.40 22.86
N ARG A 89 4.58 -2.42 22.24
CA ARG A 89 4.50 -2.25 20.78
C ARG A 89 5.33 -3.36 20.12
N ILE A 90 6.42 -3.78 20.76
CA ILE A 90 7.23 -4.86 20.19
C ILE A 90 6.48 -6.20 20.29
N HIS A 91 5.77 -6.42 21.38
CA HIS A 91 4.95 -7.61 21.49
C HIS A 91 3.94 -7.70 20.35
N LEU A 92 3.20 -6.62 20.14
CA LEU A 92 2.18 -6.58 19.12
C LEU A 92 2.75 -6.72 17.73
N LEU A 93 3.87 -6.06 17.51
CA LEU A 93 4.62 -6.15 16.27
C LEU A 93 4.91 -7.60 15.97
N LYS A 94 5.41 -8.31 16.98
CA LYS A 94 5.65 -9.74 16.85
C LYS A 94 4.40 -10.58 16.63
N ARG A 95 3.28 -10.25 17.30
CA ARG A 95 2.04 -10.97 17.04
C ARG A 95 1.60 -10.76 15.58
N ASN A 96 1.69 -9.54 15.07
CA ASN A 96 1.36 -9.32 13.64
C ASN A 96 2.32 -10.03 12.67
N ALA A 97 3.61 -10.01 12.97
CA ALA A 97 4.54 -10.78 12.15
C ALA A 97 4.17 -12.28 12.09
N GLU A 98 3.73 -12.86 13.21
CA GLU A 98 3.37 -14.28 13.22
C GLU A 98 2.09 -14.52 12.41
N ILE A 99 1.18 -13.57 12.44
CA ILE A 99 -0.01 -13.70 11.62
C ILE A 99 0.35 -13.71 10.13
N ILE A 100 1.17 -12.74 9.70
CA ILE A 100 1.61 -12.64 8.31
C ILE A 100 2.33 -13.92 7.90
N LYS A 101 3.23 -14.39 8.76
CA LYS A 101 3.96 -15.61 8.48
C LYS A 101 2.99 -16.74 8.21
N THR A 102 2.04 -16.94 9.11
CA THR A 102 1.05 -18.00 8.93
C THR A 102 0.22 -17.84 7.65
N VAL A 103 -0.26 -16.63 7.37
CA VAL A 103 -0.99 -16.39 6.14
C VAL A 103 -0.14 -16.76 4.92
N VAL A 104 1.09 -16.29 4.91
CA VAL A 104 1.93 -16.48 3.77
C VAL A 104 2.28 -17.95 3.55
N LYS A 105 2.56 -18.69 4.64
CA LYS A 105 2.80 -20.13 4.51
C LYS A 105 1.58 -20.85 3.93
N ASN A 106 0.39 -20.49 4.42
CA ASN A 106 -0.83 -21.08 3.89
C ASN A 106 -1.04 -20.72 2.40
N ILE A 107 -0.72 -19.48 2.04
CA ILE A 107 -0.83 -19.08 0.61
C ILE A 107 0.14 -19.92 -0.23
N MET A 108 1.39 -20.05 0.23
CA MET A 108 2.39 -20.75 -0.57
C MET A 108 2.08 -22.23 -0.69
N SER A 109 1.46 -22.83 0.33
CA SER A 109 1.06 -24.24 0.34
CA SER A 109 1.15 -24.25 0.25
C SER A 109 0.13 -24.57 -0.83
N SER A 110 -0.61 -23.55 -1.30
CA SER A 110 -1.59 -23.81 -2.34
C SER A 110 -0.95 -24.07 -3.71
N GLY A 111 0.32 -23.69 -3.87
CA GLY A 111 0.96 -23.71 -5.18
C GLY A 111 0.99 -22.34 -5.84
N PHE A 112 0.44 -21.35 -5.15
CA PHE A 112 0.42 -19.96 -5.60
C PHE A 112 1.78 -19.51 -6.13
N ASN A 113 1.79 -18.76 -7.20
CA ASN A 113 3.05 -18.24 -7.69
C ASN A 113 2.83 -16.89 -8.32
N GLY A 114 1.96 -16.08 -7.69
CA GLY A 114 1.66 -14.77 -8.23
C GLY A 114 2.38 -13.71 -7.41
N ILE A 115 1.76 -12.55 -7.31
CA ILE A 115 2.31 -11.43 -6.59
C ILE A 115 1.63 -11.25 -5.22
N LEU A 116 2.39 -10.90 -4.18
CA LEU A 116 1.81 -10.57 -2.85
C LEU A 116 1.83 -9.08 -2.65
N LEU A 117 0.70 -8.56 -2.21
CA LEU A 117 0.53 -7.15 -1.85
C LEU A 117 0.07 -7.03 -0.39
N VAL A 118 0.92 -6.49 0.47
CA VAL A 118 0.59 -6.45 1.91
C VAL A 118 0.01 -5.08 2.24
N ALA A 119 -1.17 -5.01 2.85
CA ALA A 119 -1.71 -3.71 3.27
C ALA A 119 -1.77 -3.61 4.80
N SER A 120 -1.61 -4.74 5.48
CA SER A 120 -1.63 -4.78 6.94
C SER A 120 -0.60 -3.83 7.54
N ASN A 121 -0.90 -3.17 8.67
CA ASN A 121 0.08 -2.31 9.31
C ASN A 121 0.77 -3.00 10.46
N PRO A 122 2.08 -2.68 10.69
CA PRO A 122 2.87 -1.68 9.94
C PRO A 122 3.38 -2.26 8.63
N VAL A 123 2.96 -1.64 7.54
CA VAL A 123 3.04 -2.27 6.25
C VAL A 123 4.49 -2.50 5.78
N ASP A 124 5.41 -1.60 6.10
CA ASP A 124 6.78 -1.78 5.59
C ASP A 124 7.42 -2.98 6.26
N VAL A 125 7.23 -3.13 7.57
CA VAL A 125 7.89 -4.26 8.23
CA VAL A 125 7.82 -4.25 8.30
C VAL A 125 7.18 -5.55 7.82
N LEU A 126 5.86 -5.52 7.69
CA LEU A 126 5.13 -6.75 7.39
C LEU A 126 5.32 -7.19 5.94
N ALA A 127 5.59 -6.24 5.05
CA ALA A 127 5.97 -6.59 3.67
C ALA A 127 7.31 -7.32 3.65
N TYR A 128 8.25 -6.87 4.46
CA TYR A 128 9.53 -7.56 4.55
C TYR A 128 9.30 -8.98 5.09
N VAL A 129 8.46 -9.08 6.12
CA VAL A 129 8.18 -10.37 6.72
C VAL A 129 7.57 -11.30 5.68
N ALA A 130 6.57 -10.79 4.96
CA ALA A 130 5.90 -11.59 3.94
C ALA A 130 6.92 -12.00 2.87
N TRP A 131 7.82 -11.09 2.53
CA TRP A 131 8.82 -11.40 1.52
C TRP A 131 9.68 -12.60 1.97
N LYS A 132 10.24 -12.49 3.18
CA LYS A 132 11.09 -13.54 3.72
CA LYS A 132 11.09 -13.54 3.73
C LYS A 132 10.35 -14.86 3.89
N GLU A 133 9.11 -14.82 4.35
CA GLU A 133 8.45 -16.09 4.64
C GLU A 133 7.93 -16.74 3.36
N SER A 134 7.79 -15.94 2.30
CA SER A 134 7.19 -16.45 1.08
C SER A 134 8.18 -17.25 0.26
N GLY A 135 9.47 -16.90 0.33
CA GLY A 135 10.44 -17.59 -0.53
C GLY A 135 10.44 -17.00 -1.95
N LEU A 136 9.59 -16.00 -2.17
CA LEU A 136 9.45 -15.42 -3.52
C LEU A 136 10.49 -14.36 -3.78
N HIS A 137 10.70 -14.01 -5.03
CA HIS A 137 11.62 -12.94 -5.35
C HIS A 137 11.05 -11.58 -4.87
N HIS A 138 11.89 -10.67 -4.44
CA HIS A 138 11.34 -9.46 -3.85
C HIS A 138 10.59 -8.63 -4.89
N SER A 139 10.81 -8.84 -6.19
CA SER A 139 10.02 -8.04 -7.17
C SER A 139 8.53 -8.45 -7.20
N ARG A 140 8.22 -9.60 -6.59
CA ARG A 140 6.86 -10.19 -6.56
C ARG A 140 6.18 -10.00 -5.21
N VAL A 141 6.84 -9.31 -4.30
CA VAL A 141 6.20 -9.02 -2.99
C VAL A 141 6.32 -7.55 -2.70
N ILE A 142 5.19 -6.89 -2.51
CA ILE A 142 5.20 -5.47 -2.24
C ILE A 142 4.25 -5.14 -1.11
N GLY A 143 4.38 -3.91 -0.61
CA GLY A 143 3.39 -3.41 0.33
C GLY A 143 2.77 -2.11 -0.23
N SER A 144 1.65 -1.67 0.33
CA SER A 144 1.02 -0.46 -0.17
C SER A 144 1.81 0.82 0.20
N GLY A 145 2.71 0.72 1.18
CA GLY A 145 3.66 1.78 1.46
C GLY A 145 3.02 3.16 1.56
N THR A 146 3.60 4.14 0.89
CA THR A 146 3.15 5.53 1.03
C THR A 146 2.26 5.94 -0.17
N SER A 147 1.67 4.97 -0.86
CA SER A 147 0.80 5.32 -1.99
C SER A 147 -0.38 6.19 -1.52
N LEU A 148 -1.00 5.82 -0.40
CA LEU A 148 -2.11 6.64 0.14
C LEU A 148 -1.62 7.97 0.71
N ASP A 149 -0.50 7.96 1.42
CA ASP A 149 0.06 9.22 1.91
C ASP A 149 0.28 10.18 0.73
N THR A 150 0.75 9.63 -0.35
CA THR A 150 1.02 10.39 -1.59
C THR A 150 -0.31 10.97 -2.19
N ALA A 151 -1.36 10.16 -2.22
CA ALA A 151 -2.65 10.67 -2.65
C ALA A 151 -3.16 11.78 -1.74
N ARG A 152 -2.90 11.66 -0.44
CA ARG A 152 -3.28 12.70 0.49
C ARG A 152 -2.53 13.99 0.20
N LEU A 153 -1.23 13.85 0.01
CA LEU A 153 -0.38 15.00 -0.36
C LEU A 153 -0.91 15.72 -1.63
N ARG A 154 -1.20 14.95 -2.67
CA ARG A 154 -1.73 15.52 -3.91
CA ARG A 154 -1.72 15.53 -3.91
C ARG A 154 -3.05 16.22 -3.67
N TYR A 155 -3.94 15.58 -2.90
CA TYR A 155 -5.18 16.24 -2.51
C TYR A 155 -4.93 17.56 -1.80
N GLU A 156 -4.02 17.59 -0.84
CA GLU A 156 -3.84 18.81 -0.05
C GLU A 156 -3.31 19.96 -0.92
N ILE A 157 -2.28 19.66 -1.69
CA ILE A 157 -1.71 20.65 -2.63
C ILE A 157 -2.81 21.17 -3.57
N SER A 158 -3.70 20.29 -4.02
CA SER A 158 -4.69 20.69 -5.02
C SER A 158 -5.66 21.70 -4.46
N GLN A 159 -5.92 21.61 -3.14
CA GLN A 159 -6.79 22.54 -2.50
C GLN A 159 -6.18 23.95 -2.40
N TYR A 160 -4.86 24.08 -2.38
CA TYR A 160 -4.24 25.43 -2.42
C TYR A 160 -4.30 26.03 -3.85
N ILE A 161 -3.91 25.24 -4.82
CA ILE A 161 -3.68 25.84 -6.16
C ILE A 161 -4.83 25.60 -7.13
N HIS A 162 -5.85 24.90 -6.69
CA HIS A 162 -7.07 24.67 -7.50
C HIS A 162 -6.71 24.07 -8.88
N ILE A 163 -5.90 23.02 -8.84
CA ILE A 163 -5.53 22.22 -10.03
C ILE A 163 -5.95 20.75 -9.73
N ASP A 164 -6.53 20.07 -10.72
CA ASP A 164 -6.82 18.63 -10.65
C ASP A 164 -5.68 17.92 -9.90
N SER A 165 -6.01 17.21 -8.80
CA SER A 165 -4.97 16.54 -7.98
C SER A 165 -4.18 15.54 -8.81
N ARG A 166 -4.80 15.07 -9.88
CA ARG A 166 -4.13 14.06 -10.75
C ARG A 166 -3.02 14.72 -11.58
N ASN A 167 -2.96 16.06 -11.58
CA ASN A 167 -1.89 16.78 -12.27
C ASN A 167 -0.75 17.12 -11.28
N VAL A 168 -0.92 16.74 -10.02
CA VAL A 168 0.06 17.07 -8.99
C VAL A 168 1.01 15.91 -8.82
N HIS A 169 2.29 16.09 -9.14
CA HIS A 169 3.18 14.94 -9.19
C HIS A 169 4.25 15.10 -8.12
N ALA A 170 3.99 14.52 -6.96
CA ALA A 170 4.85 14.67 -5.80
C ALA A 170 4.63 13.41 -4.96
N TYR A 171 5.65 12.99 -4.20
CA TYR A 171 5.65 11.72 -3.45
C TYR A 171 5.85 11.99 -1.96
N ILE A 172 5.21 11.15 -1.16
CA ILE A 172 5.63 10.88 0.19
C ILE A 172 6.50 9.64 0.16
N LEU A 173 7.67 9.71 0.79
CA LEU A 173 8.61 8.60 0.82
C LEU A 173 8.86 8.12 2.24
N GLY A 174 9.47 6.93 2.32
CA GLY A 174 9.94 6.44 3.63
C GLY A 174 8.93 5.52 4.29
N GLU A 175 9.00 5.46 5.62
CA GLU A 175 8.10 4.64 6.42
C GLU A 175 6.67 5.16 6.27
N HIS A 176 5.70 4.29 6.03
CA HIS A 176 4.29 4.70 6.12
C HIS A 176 3.98 4.83 7.64
N GLY A 177 4.18 6.02 8.19
CA GLY A 177 4.16 6.20 9.67
C GLY A 177 4.86 7.51 9.94
N ASP A 178 5.27 7.70 11.20
CA ASP A 178 5.70 9.00 11.71
C ASP A 178 6.96 9.54 11.04
N SER A 179 7.78 8.67 10.46
CA SER A 179 9.04 9.13 9.85
C SER A 179 8.96 9.33 8.33
N GLU A 180 7.77 9.25 7.73
CA GLU A 180 7.64 9.59 6.32
C GLU A 180 7.97 11.05 6.06
N PHE A 181 8.23 11.39 4.81
CA PHE A 181 8.62 12.77 4.54
C PHE A 181 8.24 13.11 3.10
N VAL A 182 8.11 14.40 2.80
CA VAL A 182 7.76 14.82 1.44
C VAL A 182 9.02 14.98 0.64
N CYS A 183 9.03 14.47 -0.56
CA CYS A 183 10.15 14.75 -1.44
C CYS A 183 9.84 16.07 -2.20
N TRP A 184 10.12 17.21 -1.58
CA TRP A 184 9.84 18.48 -2.26
C TRP A 184 10.80 18.78 -3.43
N SER A 185 12.01 18.20 -3.43
CA SER A 185 13.00 18.55 -4.46
C SER A 185 12.57 18.01 -5.83
N ASN A 186 11.74 16.98 -5.83
CA ASN A 186 11.23 16.35 -7.08
C ASN A 186 9.71 16.42 -7.13
N ALA A 187 9.15 17.60 -7.05
CA ALA A 187 7.69 17.75 -7.01
C ALA A 187 7.31 18.72 -8.11
N ASN A 188 6.31 18.40 -8.91
CA ASN A 188 5.84 19.34 -9.90
C ASN A 188 4.32 19.32 -10.08
N VAL A 189 3.83 20.35 -10.74
CA VAL A 189 2.41 20.41 -11.07
C VAL A 189 2.37 20.44 -12.60
N GLY A 190 1.84 19.39 -13.21
CA GLY A 190 1.93 19.29 -14.66
C GLY A 190 3.38 18.96 -14.94
N ALA A 191 4.08 19.85 -15.61
CA ALA A 191 5.52 19.63 -15.83
C ALA A 191 6.35 20.66 -15.05
N LYS A 192 5.67 21.52 -14.30
CA LYS A 192 6.28 22.69 -13.70
C LYS A 192 6.77 22.44 -12.26
N PRO A 193 8.08 22.65 -11.99
CA PRO A 193 8.60 22.37 -10.62
C PRO A 193 7.82 23.14 -9.56
N ILE A 194 7.62 22.52 -8.39
CA ILE A 194 6.84 23.16 -7.35
C ILE A 194 7.44 24.49 -6.90
N ALA A 195 8.77 24.63 -6.95
CA ALA A 195 9.35 25.91 -6.51
C ALA A 195 8.87 27.02 -7.42
N ASP A 196 8.76 26.70 -8.72
CA ASP A 196 8.28 27.69 -9.69
C ASP A 196 6.81 28.00 -9.47
N VAL A 197 6.03 27.00 -9.11
CA VAL A 197 4.60 27.18 -8.80
C VAL A 197 4.45 28.14 -7.64
N ILE A 198 5.20 27.90 -6.57
CA ILE A 198 5.23 28.85 -5.43
C ILE A 198 5.57 30.26 -5.83
N ASP A 199 6.57 30.42 -6.68
CA ASP A 199 6.91 31.78 -7.11
C ASP A 199 5.81 32.45 -7.91
N SER A 200 5.06 31.66 -8.66
CA SER A 200 4.07 32.20 -9.62
C SER A 200 2.72 32.52 -9.01
N MET A 201 2.28 31.63 -8.13
CA MET A 201 0.96 31.64 -7.58
C MET A 201 0.93 32.23 -6.17
N ASP A 202 0.13 33.26 -5.98
CA ASP A 202 -0.13 33.77 -4.63
C ASP A 202 -0.83 32.76 -3.76
N GLU A 203 -1.46 31.77 -4.39
CA GLU A 203 -2.22 30.70 -3.72
C GLU A 203 -1.37 29.77 -2.83
N ILE A 204 -0.06 29.68 -3.05
CA ILE A 204 0.74 28.72 -2.29
C ILE A 204 2.13 29.33 -1.98
N SER A 205 2.53 29.17 -0.72
CA SER A 205 3.80 29.74 -0.25
CA SER A 205 3.77 29.74 -0.22
C SER A 205 4.66 28.67 0.40
N PHE A 206 5.92 28.99 0.66
CA PHE A 206 6.82 28.09 1.38
C PHE A 206 6.22 27.63 2.72
N GLU A 207 5.53 28.53 3.45
CA GLU A 207 4.95 28.17 4.76
C GLU A 207 3.89 27.12 4.65
N ASP A 208 3.21 27.10 3.50
CA ASP A 208 2.13 26.15 3.34
C ASP A 208 2.68 24.73 3.28
N LEU A 209 3.93 24.60 2.84
CA LEU A 209 4.50 23.29 2.57
C LEU A 209 4.64 22.51 3.89
N GLU A 210 5.16 23.17 4.91
CA GLU A 210 5.34 22.52 6.20
C GLU A 210 3.97 22.18 6.76
N HIS A 211 2.99 23.07 6.57
CA HIS A 211 1.64 22.77 7.03
C HIS A 211 1.07 21.54 6.36
N ILE A 212 1.27 21.47 5.05
CA ILE A 212 0.78 20.32 4.27
C ILE A 212 1.43 19.01 4.74
N TYR A 213 2.73 19.05 5.01
CA TYR A 213 3.39 17.85 5.55
C TYR A 213 2.72 17.42 6.87
N LEU A 214 2.48 18.39 7.76
CA LEU A 214 1.81 18.08 9.03
C LEU A 214 0.43 17.48 8.81
N LYS A 215 -0.32 18.05 7.87
CA LYS A 215 -1.66 17.51 7.54
C LYS A 215 -1.57 16.08 7.08
N VAL A 216 -0.60 15.83 6.23
CA VAL A 216 -0.42 14.46 5.74
C VAL A 216 -0.05 13.51 6.88
N ARG A 217 0.89 13.93 7.73
CA ARG A 217 1.29 13.18 8.91
C ARG A 217 0.13 12.80 9.85
N ASP A 218 -0.80 13.74 10.03
CA ASP A 218 -1.88 13.63 11.02
C ASP A 218 -3.17 13.07 10.43
N ALA A 219 -3.19 12.83 9.11
CA ALA A 219 -4.43 12.44 8.43
C ALA A 219 -5.11 11.19 8.95
N ALA A 220 -4.35 10.10 9.15
CA ALA A 220 -4.93 8.89 9.70
C ALA A 220 -5.54 9.12 11.07
N TYR A 221 -4.77 9.76 11.94
CA TYR A 221 -5.28 10.03 13.28
C TYR A 221 -6.58 10.80 13.24
N GLU A 222 -6.58 11.80 12.36
CA GLU A 222 -7.71 12.70 12.24
C GLU A 222 -8.98 11.91 11.84
N ILE A 223 -8.82 11.03 10.85
CA ILE A 223 -9.95 10.25 10.37
C ILE A 223 -10.41 9.25 11.45
N ILE A 224 -9.45 8.51 12.00
CA ILE A 224 -9.75 7.55 13.08
C ILE A 224 -10.49 8.21 14.21
N SER A 225 -10.08 9.43 14.58
CA SER A 225 -10.73 10.05 15.72
C SER A 225 -12.18 10.47 15.40
N ARG A 226 -12.54 10.55 14.13
CA ARG A 226 -13.87 11.03 13.72
C ARG A 226 -14.83 9.92 13.28
N LYS A 227 -14.28 8.88 12.64
CA LYS A 227 -15.10 7.75 12.19
C LYS A 227 -14.52 6.37 12.52
N LYS A 228 -13.70 6.28 13.58
CA LYS A 228 -13.17 5.00 14.16
C LYS A 228 -12.03 4.34 13.41
N ALA A 229 -12.01 4.48 12.08
CA ALA A 229 -11.00 3.79 11.30
C ALA A 229 -10.89 4.47 9.94
N THR A 230 -9.75 4.36 9.28
CA THR A 230 -9.66 4.87 7.91
C THR A 230 -9.64 3.68 6.95
N TYR A 231 -10.36 3.76 5.82
CA TYR A 231 -10.38 2.63 4.89
C TYR A 231 -10.78 2.97 3.46
N TYR A 232 -11.53 4.06 3.23
CA TYR A 232 -11.86 4.37 1.83
C TYR A 232 -10.61 4.77 1.03
N GLY A 233 -9.77 5.58 1.64
CA GLY A 233 -8.53 5.99 0.98
C GLY A 233 -7.64 4.82 0.58
N ILE A 234 -7.28 3.95 1.53
CA ILE A 234 -6.40 2.83 1.20
CA ILE A 234 -6.37 2.87 1.14
C ILE A 234 -7.08 1.90 0.18
N GLY A 235 -8.40 1.77 0.30
CA GLY A 235 -9.10 0.91 -0.66
C GLY A 235 -8.82 1.33 -2.10
N MET A 236 -8.89 2.62 -2.38
CA MET A 236 -8.65 3.10 -3.77
C MET A 236 -7.16 3.07 -4.15
N ALA A 237 -6.26 3.24 -3.17
CA ALA A 237 -4.83 3.09 -3.42
C ALA A 237 -4.55 1.64 -3.85
N LEU A 238 -5.12 0.67 -3.10
CA LEU A 238 -4.91 -0.75 -3.43
C LEU A 238 -5.49 -1.09 -4.84
N VAL A 239 -6.63 -0.49 -5.17
CA VAL A 239 -7.17 -0.68 -6.52
C VAL A 239 -6.17 -0.19 -7.56
N ARG A 240 -5.58 0.97 -7.30
CA ARG A 240 -4.69 1.56 -8.30
C ARG A 240 -3.47 0.72 -8.50
N ILE A 241 -2.93 0.18 -7.40
CA ILE A 241 -1.78 -0.72 -7.49
C ILE A 241 -2.17 -1.97 -8.28
N THR A 242 -3.33 -2.51 -7.97
CA THR A 242 -3.84 -3.70 -8.67
C THR A 242 -3.97 -3.44 -10.18
N ALA A 243 -4.51 -2.28 -10.52
CA ALA A 243 -4.75 -1.96 -11.95
C ALA A 243 -3.45 -1.80 -12.70
N ALA A 244 -2.45 -1.23 -12.03
CA ALA A 244 -1.13 -1.10 -12.69
C ALA A 244 -0.57 -2.46 -13.06
N ILE A 245 -0.78 -3.43 -12.16
CA ILE A 245 -0.30 -4.80 -12.43
C ILE A 245 -1.17 -5.54 -13.48
N PHE A 246 -2.48 -5.59 -13.28
CA PHE A 246 -3.29 -6.38 -14.23
C PHE A 246 -3.38 -5.71 -15.62
N ASN A 247 -3.27 -4.40 -15.67
CA ASN A 247 -3.27 -3.71 -17.00
C ASN A 247 -1.86 -3.55 -17.56
N ASN A 248 -0.89 -4.13 -16.83
CA ASN A 248 0.49 -4.20 -17.32
C ASN A 248 1.03 -2.80 -17.70
N GLU A 249 0.88 -1.84 -16.81
CA GLU A 249 0.97 -0.42 -17.22
C GLU A 249 2.40 0.11 -17.28
N ASN A 250 3.33 -0.46 -16.48
CA ASN A 250 4.66 0.17 -16.25
C ASN A 250 4.40 1.58 -15.70
N ARG A 251 3.60 1.59 -14.65
CA ARG A 251 3.15 2.78 -13.93
C ARG A 251 4.10 3.04 -12.76
N ILE A 252 4.42 4.30 -12.51
CA ILE A 252 5.26 4.65 -11.35
C ILE A 252 4.36 5.02 -10.18
N LEU A 253 4.45 4.22 -9.13
CA LEU A 253 3.73 4.46 -7.86
C LEU A 253 4.64 4.28 -6.66
N PRO A 254 4.44 5.09 -5.61
CA PRO A 254 5.24 4.92 -4.41
C PRO A 254 4.63 3.79 -3.62
N ILE A 255 5.41 2.73 -3.37
CA ILE A 255 4.93 1.55 -2.65
C ILE A 255 6.06 1.06 -1.79
N SER A 256 5.76 0.13 -0.87
N SER A 256 5.76 0.13 -0.89
CA SER A 256 6.78 -0.55 -0.08
CA SER A 256 6.79 -0.48 -0.11
C SER A 256 7.54 -1.53 -0.94
C SER A 256 7.55 -1.53 -0.93
N VAL A 257 8.86 -1.33 -1.08
CA VAL A 257 9.71 -2.22 -1.88
C VAL A 257 11.03 -2.40 -1.18
N LEU A 258 11.73 -3.46 -1.55
CA LEU A 258 13.01 -3.75 -0.93
C LEU A 258 14.05 -2.80 -1.50
N ASN A 259 14.62 -1.93 -0.67
CA ASN A 259 15.60 -0.96 -1.19
C ASN A 259 16.73 -1.66 -1.95
N ASN A 260 17.44 -2.54 -1.25
CA ASN A 260 18.42 -3.41 -1.93
C ASN A 260 19.48 -2.60 -2.67
N GLY A 261 19.95 -1.51 -2.07
CA GLY A 261 21.08 -0.79 -2.66
C GLY A 261 20.66 0.30 -3.65
N VAL A 262 19.37 0.42 -3.95
CA VAL A 262 19.00 1.46 -4.91
C VAL A 262 19.25 2.83 -4.31
N TYR A 263 18.71 3.11 -3.11
CA TYR A 263 19.01 4.35 -2.40
C TYR A 263 20.16 4.08 -1.42
N ASP A 264 20.84 5.09 -0.91
CA ASP A 264 21.98 4.67 -0.08
C ASP A 264 21.61 4.41 1.39
N CYS A 265 20.33 4.40 1.71
CA CYS A 265 19.90 3.94 3.02
C CYS A 265 20.04 2.41 3.13
N GLU A 266 19.73 1.87 4.31
CA GLU A 266 19.74 0.43 4.57
CA GLU A 266 19.80 0.41 4.55
C GLU A 266 19.25 -0.36 3.36
N ASP A 267 20.00 -1.39 2.98
CA ASP A 267 19.62 -2.22 1.84
C ASP A 267 18.50 -3.19 2.21
N GLN A 268 18.57 -3.76 3.41
CA GLN A 268 17.64 -4.82 3.79
C GLN A 268 16.44 -4.29 4.60
N VAL A 269 15.65 -3.43 3.95
CA VAL A 269 14.37 -2.97 4.44
C VAL A 269 13.42 -2.81 3.29
N TYR A 270 12.14 -3.03 3.56
CA TYR A 270 11.09 -2.61 2.65
C TYR A 270 10.78 -1.21 3.09
N ILE A 271 10.62 -0.31 2.13
CA ILE A 271 10.38 1.09 2.45
C ILE A 271 9.69 1.78 1.27
N GLY A 272 8.95 2.86 1.54
CA GLY A 272 8.12 3.51 0.52
C GLY A 272 9.00 4.29 -0.47
N LEU A 273 9.03 3.79 -1.71
CA LEU A 273 9.82 4.40 -2.79
C LEU A 273 9.01 4.32 -4.07
N PRO A 274 9.23 5.26 -5.01
CA PRO A 274 8.52 5.16 -6.29
C PRO A 274 9.04 3.93 -7.07
N ALA A 275 8.13 3.16 -7.63
CA ALA A 275 8.54 1.96 -8.34
C ALA A 275 7.68 1.75 -9.57
N VAL A 276 8.26 1.09 -10.57
CA VAL A 276 7.57 0.79 -11.80
C VAL A 276 6.85 -0.56 -11.66
N LEU A 277 5.53 -0.54 -11.79
CA LEU A 277 4.71 -1.76 -11.70
C LEU A 277 4.17 -2.22 -13.06
N ASN A 278 4.24 -3.51 -13.33
CA ASN A 278 3.63 -4.04 -14.53
C ASN A 278 3.15 -5.47 -14.19
N LYS A 279 2.81 -6.29 -15.16
CA LYS A 279 2.14 -7.57 -14.90
C LYS A 279 3.03 -8.54 -14.15
N ASP A 280 4.32 -8.25 -14.19
CA ASP A 280 5.32 -9.18 -13.56
C ASP A 280 5.68 -8.72 -12.15
N GLY A 281 5.11 -7.59 -11.71
CA GLY A 281 5.41 -7.04 -10.39
C GLY A 281 6.29 -5.77 -10.49
N VAL A 282 7.36 -5.68 -9.71
CA VAL A 282 8.19 -4.47 -9.71
C VAL A 282 9.27 -4.56 -10.80
N HIS A 283 9.17 -3.72 -11.83
CA HIS A 283 10.18 -3.75 -12.89
C HIS A 283 11.52 -3.20 -12.38
N HIS A 284 11.47 -2.04 -11.73
CA HIS A 284 12.64 -1.51 -11.01
C HIS A 284 12.15 -0.41 -10.08
N ILE A 285 13.00 -0.03 -9.14
CA ILE A 285 12.71 1.10 -8.27
C ILE A 285 13.24 2.35 -8.93
N VAL A 286 12.47 3.43 -8.92
CA VAL A 286 12.96 4.63 -9.56
C VAL A 286 13.89 5.35 -8.59
N LYS A 287 15.07 5.70 -9.04
CA LYS A 287 16.01 6.39 -8.16
C LYS A 287 15.91 7.89 -8.37
N LEU A 288 15.37 8.62 -7.39
CA LEU A 288 15.34 10.08 -7.47
C LEU A 288 16.62 10.66 -6.92
N LYS A 289 17.04 11.82 -7.44
CA LYS A 289 18.14 12.59 -6.82
C LYS A 289 17.55 13.33 -5.62
N LEU A 290 17.87 12.90 -4.40
CA LEU A 290 17.31 13.51 -3.20
C LEU A 290 18.21 14.62 -2.77
N ASN A 291 17.68 15.67 -2.12
CA ASN A 291 18.61 16.66 -1.58
C ASN A 291 19.11 16.17 -0.23
N GLU A 292 20.01 16.92 0.38
CA GLU A 292 20.67 16.47 1.61
C GLU A 292 19.69 16.19 2.74
N LYS A 293 18.73 17.08 2.93
CA LYS A 293 17.69 16.87 3.94
C LYS A 293 16.91 15.57 3.71
N GLU A 294 16.41 15.38 2.48
CA GLU A 294 15.59 14.21 2.15
C GLU A 294 16.38 12.91 2.30
N ASN A 295 17.65 12.95 1.89
CA ASN A 295 18.46 11.74 1.99
C ASN A 295 18.64 11.34 3.45
N SER A 296 18.89 12.36 4.26
CA SER A 296 18.96 12.17 5.71
C SER A 296 17.64 11.60 6.25
N GLN A 297 16.53 12.15 5.78
CA GLN A 297 15.24 11.69 6.28
C GLN A 297 14.98 10.25 5.83
N LEU A 298 15.42 9.89 4.62
CA LEU A 298 15.22 8.51 4.14
C LEU A 298 16.09 7.54 4.99
N ASN A 299 17.32 7.93 5.26
CA ASN A 299 18.19 7.16 6.13
C ASN A 299 17.56 6.96 7.53
N ASN A 300 16.98 8.02 8.08
CA ASN A 300 16.38 7.93 9.40
C ASN A 300 15.24 6.91 9.37
N SER A 301 14.42 7.02 8.35
CA SER A 301 13.25 6.20 8.19
C SER A 301 13.68 4.72 8.02
N ALA A 302 14.69 4.50 7.19
CA ALA A 302 15.20 3.14 6.97
C ALA A 302 15.83 2.56 8.25
N ASN A 303 16.51 3.41 9.00
CA ASN A 303 17.14 2.93 10.24
C ASN A 303 16.10 2.47 11.25
N ILE A 304 14.99 3.18 11.27
CA ILE A 304 13.88 2.90 12.18
C ILE A 304 13.27 1.54 11.85
N LEU A 305 13.04 1.27 10.57
CA LEU A 305 12.48 0.01 10.12
C LEU A 305 13.47 -1.12 10.32
N ARG A 306 14.73 -0.86 10.05
CA ARG A 306 15.72 -1.90 10.26
C ARG A 306 15.79 -2.26 11.77
N LYS A 307 15.65 -1.28 12.64
CA LYS A 307 15.70 -1.58 14.09
C LYS A 307 14.48 -2.43 14.51
N ASN A 308 13.31 -2.04 13.98
CA ASN A 308 12.09 -2.82 14.15
C ASN A 308 12.33 -4.28 13.73
N LEU A 309 12.84 -4.49 12.52
CA LEU A 309 13.09 -5.84 12.01
C LEU A 309 14.12 -6.60 12.86
N ASP A 310 15.19 -5.94 13.27
CA ASP A 310 16.15 -6.56 14.17
C ASP A 310 15.49 -7.06 15.45
N ASP A 311 14.66 -6.18 16.01
CA ASP A 311 13.97 -6.47 17.25
C ASP A 311 13.00 -7.61 17.09
N MET A 312 12.57 -7.89 15.86
CA MET A 312 11.67 -9.02 15.62
C MET A 312 12.46 -10.27 15.23
N SER A 313 13.78 -10.18 15.38
CA SER A 313 14.79 -11.13 14.88
C SER A 313 14.54 -11.54 13.43
N TYR A 314 14.29 -10.54 12.58
CA TYR A 314 14.34 -10.73 11.15
C TYR A 314 15.64 -10.12 10.66
NA NA B . 3.46 31.92 -3.72
CL CL C . -9.00 -8.09 9.09
CL CL D . -8.39 -15.09 -14.45
C ACT E . 0.62 27.28 -12.23
O ACT E . 1.85 27.42 -11.95
OXT ACT E . 0.04 28.29 -12.73
CH3 ACT E . -0.15 26.02 -11.97
C ACT F . -9.59 21.01 -8.31
O ACT F . -9.00 20.88 -7.19
OXT ACT F . -10.05 22.14 -8.66
CH3 ACT F . -9.78 19.83 -9.22
C ACT G . -8.28 -6.81 -16.73
O ACT G . -9.20 -6.03 -17.12
OXT ACT G . -8.59 -8.00 -16.44
CH3 ACT G . -6.87 -6.30 -16.60
C ACT H . -6.83 26.26 1.27
O ACT H . -7.94 26.33 0.70
OXT ACT H . -6.49 25.11 1.64
CH3 ACT H . -5.97 27.46 1.48
C ACT I . -2.38 19.47 12.55
O ACT I . -2.67 18.72 13.51
OXT ACT I . -2.69 20.68 12.68
CH3 ACT I . -1.72 18.98 11.30
C ACT J . -4.24 2.53 6.29
O ACT J . -4.68 3.43 5.53
OXT ACT J . -2.98 2.49 6.52
CH3 ACT J . -5.26 1.60 6.91
C1 PGE K . 11.34 -12.55 -11.00
O1 PGE K . 12.69 -12.05 -11.21
C2 PGE K . 11.34 -14.01 -10.47
O2 PGE K . 10.01 -14.55 -10.25
C3 PGE K . 9.18 -14.62 -11.44
C4 PGE K . 7.99 -15.61 -11.26
O4 PGE K . 3.92 -17.46 -12.55
C6 PGE K . 4.86 -16.37 -12.48
C5 PGE K . 6.33 -16.80 -12.57
O3 PGE K . 7.21 -15.65 -12.48
C1 PGE L . 8.73 -21.92 2.00
O1 PGE L . 7.48 -21.22 2.17
C2 PGE L . 9.85 -20.98 1.47
O2 PGE L . 10.16 -19.88 2.36
C3 PGE L . 10.81 -20.33 3.57
C4 PGE L . 11.41 -19.16 4.37
O4 PGE L . 12.62 -16.62 7.59
C6 PGE L . 11.90 -17.61 6.85
C5 PGE L . 12.82 -18.70 6.29
O3 PGE L . 12.05 -19.68 5.56
C1 GOL M . 17.30 19.20 -10.10
O1 GOL M . 16.81 19.87 -11.24
C2 GOL M . 16.46 17.94 -9.94
O2 GOL M . 17.23 16.76 -10.00
C3 GOL M . 15.69 17.91 -8.64
O3 GOL M . 15.82 16.58 -8.19
C1 GOL N . -1.52 -18.74 -13.37
O1 GOL N . -2.06 -19.98 -12.97
C2 GOL N . -0.36 -18.30 -12.49
O2 GOL N . 0.07 -19.30 -11.58
C3 GOL N . -0.73 -17.02 -11.73
O3 GOL N . 0.38 -16.16 -11.73
C1 GOL O . 20.72 20.29 -1.62
O1 GOL O . 21.25 19.23 -0.84
C2 GOL O . 19.82 21.13 -0.71
O2 GOL O . 20.44 21.14 0.55
C3 GOL O . 19.63 22.57 -1.22
O3 GOL O . 18.38 22.73 -1.87
C1 GOL P . -9.23 -19.91 5.85
O1 GOL P . -8.62 -18.77 6.41
C2 GOL P . -10.71 -19.63 5.60
O2 GOL P . -11.19 -20.44 4.55
C3 GOL P . -11.54 -19.99 6.82
O3 GOL P . -12.88 -20.09 6.38
C1 GOL Q . 5.89 -23.02 -7.22
O1 GOL Q . 4.61 -23.01 -7.80
C2 GOL Q . 5.95 -22.12 -5.99
O2 GOL Q . 5.99 -22.86 -4.76
C3 GOL Q . 7.15 -21.17 -6.09
O3 GOL Q . 7.55 -20.80 -4.79
C TRS R . 24.45 1.52 -0.87
C1 TRS R . 25.24 2.57 -0.08
C2 TRS R . 25.03 0.14 -0.57
C3 TRS R . 24.61 1.93 -2.34
N TRS R . 23.01 1.54 -0.48
O1 TRS R . 25.04 2.44 1.30
O2 TRS R . 24.64 -0.84 -1.52
O3 TRS R . 24.29 0.92 -3.28
#